data_3U3R
#
_entry.id   3U3R
#
_cell.length_a   72.380
_cell.length_b   80.270
_cell.length_c   123.160
_cell.angle_alpha   90.000
_cell.angle_beta   90.000
_cell.angle_gamma   90.000
#
_symmetry.space_group_name_H-M   'C 2 2 21'
#
loop_
_entity.id
_entity.type
_entity.pdbx_description
1 polymer 'Sulfotransferase 1A1'
2 non-polymer P-NITROPHENOL
3 non-polymer "ADENOSINE-3'-5'-DIPHOSPHATE"
4 water water
#
_entity_poly.entity_id   1
_entity_poly.type   'polypeptide(L)'
_entity_poly.pdbx_seq_one_letter_code
;MGSSHHHHHHSSGLVPRGSHMELIQDTSRPPLEYVKGVPLIKYFAEALGPLQSFQARPDDLLISTYPKSGTTWVSQILDM
IYQGGDLEKCHRAPIFMRVPFLEFKAPGIPSGMETLKDTPAPRLLKTHLPLALLPQTLLDQKVKVVYVARNAKDVAVSYY
HFYHMAKVHPEPGTWDSFLEKFMVGEVSYGSWYQHVQEWWELSRTHPVLYLFYEDMKENPKREIQKILEFVGHSLPEETV
DFMVQHTSFKEMKKNPMTNYTTVPQEFMGHSISPFMRKGMAGDWKTTFTVAQNERFDADYAEKMAGCSLSFRSEL
;
_entity_poly.pdbx_strand_id   A
#
# COMPACT_ATOMS: atom_id res chain seq x y z
N SER A 28 3.29 22.95 4.37
CA SER A 28 1.84 23.29 4.46
C SER A 28 1.05 22.94 3.15
N ARG A 29 0.92 21.64 2.87
CA ARG A 29 0.08 21.09 1.73
C ARG A 29 0.42 21.64 0.34
N PRO A 30 1.58 21.23 -0.15
CA PRO A 30 2.03 21.58 -1.49
C PRO A 30 1.14 20.94 -2.58
N PRO A 31 1.02 21.59 -3.75
CA PRO A 31 0.35 21.00 -4.89
C PRO A 31 1.03 19.71 -5.30
N LEU A 32 0.26 18.82 -5.97
CA LEU A 32 0.81 17.63 -6.64
C LEU A 32 1.73 18.02 -7.80
N GLU A 33 2.71 17.18 -8.12
CA GLU A 33 3.46 17.33 -9.36
C GLU A 33 3.35 16.16 -10.28
N TYR A 34 3.08 16.44 -11.57
CA TYR A 34 2.90 15.41 -12.59
C TYR A 34 4.24 14.97 -13.18
N VAL A 35 4.50 13.67 -13.17
CA VAL A 35 5.72 13.18 -13.79
C VAL A 35 5.26 12.03 -14.68
N LYS A 36 5.43 12.18 -16.00
CA LYS A 36 4.96 11.18 -16.95
C LYS A 36 3.51 10.74 -16.74
N GLY A 37 2.59 11.70 -16.59
CA GLY A 37 1.22 11.36 -16.62
C GLY A 37 0.76 10.97 -15.24
N VAL A 38 1.68 10.87 -14.26
CA VAL A 38 1.37 10.44 -12.86
C VAL A 38 1.50 11.58 -11.86
N PRO A 39 0.38 11.95 -11.23
CA PRO A 39 0.38 12.99 -10.18
C PRO A 39 1.08 12.45 -8.96
N LEU A 40 1.96 13.22 -8.31
CA LEU A 40 2.76 12.69 -7.18
C LEU A 40 2.97 13.74 -6.13
N ILE A 41 3.15 13.30 -4.90
CA ILE A 41 3.56 14.18 -3.84
C ILE A 41 4.89 14.83 -4.33
N LYS A 42 5.04 16.13 -4.17
CA LYS A 42 6.25 16.77 -4.73
C LYS A 42 7.60 16.21 -4.22
N TYR A 43 7.73 15.94 -2.92
CA TYR A 43 8.94 15.25 -2.43
C TYR A 43 9.14 13.87 -3.02
N PHE A 44 8.07 13.11 -3.24
CA PHE A 44 8.26 11.85 -3.91
C PHE A 44 8.74 12.03 -5.33
N ALA A 45 8.18 13.00 -6.07
CA ALA A 45 8.67 13.38 -7.41
C ALA A 45 10.17 13.67 -7.35
N GLU A 46 10.60 14.53 -6.43
CA GLU A 46 12.04 14.80 -6.22
C GLU A 46 12.80 13.52 -5.92
N ALA A 47 12.27 12.72 -5.03
CA ALA A 47 12.91 11.44 -4.71
C ALA A 47 13.19 10.55 -5.96
N LEU A 48 12.52 10.78 -7.10
CA LEU A 48 12.70 9.83 -8.21
C LEU A 48 14.08 9.99 -8.86
N GLY A 49 14.70 11.15 -8.69
CA GLY A 49 15.99 11.39 -9.28
C GLY A 49 17.03 10.48 -8.64
N PRO A 50 17.22 10.60 -7.31
CA PRO A 50 18.20 9.70 -6.67
C PRO A 50 17.88 8.24 -6.92
N LEU A 51 16.63 7.93 -7.22
CA LEU A 51 16.18 6.52 -7.21
C LEU A 51 16.55 5.85 -8.53
N GLN A 52 16.88 6.65 -9.54
CA GLN A 52 17.36 6.12 -10.79
C GLN A 52 18.64 5.32 -10.65
N SER A 53 19.40 5.53 -9.57
CA SER A 53 20.62 4.73 -9.39
C SER A 53 20.44 3.51 -8.45
N PHE A 54 19.21 3.23 -8.05
CA PHE A 54 18.82 1.99 -7.40
C PHE A 54 19.06 0.78 -8.28
N GLN A 55 19.72 -0.22 -7.70
CA GLN A 55 19.92 -1.49 -8.36
C GLN A 55 19.27 -2.62 -7.55
N ALA A 56 18.34 -3.34 -8.17
CA ALA A 56 17.70 -4.46 -7.52
C ALA A 56 18.62 -5.73 -7.45
N ARG A 57 18.25 -6.68 -6.61
CA ARG A 57 19.05 -7.84 -6.37
C ARG A 57 18.10 -8.97 -6.71
N PRO A 58 18.62 -10.07 -7.30
CA PRO A 58 17.68 -11.20 -7.60
C PRO A 58 16.86 -11.64 -6.38
N ASP A 59 17.34 -11.31 -5.17
CA ASP A 59 16.64 -11.80 -3.92
C ASP A 59 15.79 -10.75 -3.22
N ASP A 60 15.66 -9.57 -3.80
CA ASP A 60 14.77 -8.54 -3.20
C ASP A 60 13.39 -9.05 -3.29
N LEU A 61 12.50 -8.42 -2.51
CA LEU A 61 11.07 -8.76 -2.65
C LEU A 61 10.30 -7.46 -2.60
N LEU A 62 9.41 -7.23 -3.55
CA LEU A 62 8.78 -5.92 -3.63
C LEU A 62 7.36 -6.00 -3.20
N ILE A 63 6.99 -5.13 -2.25
CA ILE A 63 5.59 -5.01 -1.83
C ILE A 63 4.99 -3.84 -2.63
N SER A 64 3.95 -4.10 -3.41
CA SER A 64 3.47 -3.10 -4.32
C SER A 64 1.95 -2.96 -4.10
N THR A 65 1.47 -1.75 -3.94
CA THR A 65 0.04 -1.50 -3.80
C THR A 65 -0.31 -0.08 -4.25
N TYR A 66 -1.56 0.12 -4.64
CA TYR A 66 -2.12 1.45 -4.73
C TYR A 66 -2.28 1.88 -3.27
N PRO A 67 -2.10 3.19 -2.94
CA PRO A 67 -2.22 3.49 -1.52
C PRO A 67 -3.53 3.00 -0.81
N LYS A 68 -3.42 2.65 0.49
CA LYS A 68 -4.57 2.40 1.33
C LYS A 68 -5.18 1.04 1.02
N SER A 69 -4.42 0.15 0.40
CA SER A 69 -4.93 -1.17 0.04
C SER A 69 -4.39 -2.31 0.90
N GLY A 70 -3.64 -2.03 1.96
CA GLY A 70 -3.08 -3.14 2.78
C GLY A 70 -1.55 -3.23 2.86
N THR A 71 -0.88 -2.16 2.44
CA THR A 71 0.55 -2.10 2.47
C THR A 71 1.14 -2.44 3.83
N THR A 72 0.71 -1.72 4.86
CA THR A 72 1.32 -1.89 6.17
C THR A 72 1.03 -3.27 6.72
N TRP A 73 -0.23 -3.72 6.54
CA TRP A 73 -0.63 -5.06 6.92
C TRP A 73 0.26 -6.14 6.33
N VAL A 74 0.43 -6.18 4.99
CA VAL A 74 1.26 -7.23 4.35
C VAL A 74 2.76 -7.05 4.66
N SER A 75 3.22 -5.81 4.90
CA SER A 75 4.59 -5.52 5.30
C SER A 75 4.93 -6.13 6.62
N GLN A 76 3.99 -5.99 7.57
CA GLN A 76 4.19 -6.61 8.85
C GLN A 76 4.20 -8.13 8.69
N ILE A 77 3.23 -8.70 7.97
CA ILE A 77 3.24 -10.17 7.75
C ILE A 77 4.57 -10.58 7.14
N LEU A 78 4.99 -9.94 6.04
CA LEU A 78 6.28 -10.35 5.36
C LEU A 78 7.51 -10.21 6.27
N ASP A 79 7.58 -9.10 7.02
CA ASP A 79 8.66 -8.93 7.96
C ASP A 79 8.66 -9.96 9.11
N MET A 80 7.50 -10.47 9.58
CA MET A 80 7.53 -11.53 10.62
C MET A 80 7.96 -12.84 10.02
N ILE A 81 7.53 -13.13 8.79
CA ILE A 81 8.07 -14.29 8.05
C ILE A 81 9.58 -14.14 7.97
N TYR A 82 10.05 -12.95 7.61
CA TYR A 82 11.53 -12.78 7.47
C TYR A 82 12.28 -13.03 8.75
N GLN A 83 11.63 -12.83 9.89
CA GLN A 83 12.26 -13.01 11.22
C GLN A 83 11.87 -14.35 11.84
N GLY A 84 11.43 -15.33 11.04
CA GLY A 84 11.07 -16.67 11.55
C GLY A 84 9.89 -16.72 12.52
N GLY A 85 9.00 -15.72 12.42
CA GLY A 85 7.82 -15.57 13.30
C GLY A 85 8.06 -14.99 14.69
N ASP A 86 9.30 -14.62 15.04
CA ASP A 86 9.52 -14.06 16.36
C ASP A 86 9.20 -12.57 16.37
N LEU A 87 8.59 -12.09 17.46
CA LEU A 87 8.11 -10.70 17.60
C LEU A 87 9.08 -9.80 18.36
N GLU A 88 9.95 -10.41 19.16
CA GLU A 88 11.10 -9.72 19.76
C GLU A 88 11.89 -8.97 18.65
N LYS A 89 11.89 -9.56 17.46
CA LYS A 89 12.79 -9.20 16.36
C LYS A 89 12.21 -8.13 15.43
N CYS A 90 10.88 -8.09 15.36
CA CYS A 90 10.14 -7.09 14.58
C CYS A 90 10.02 -5.71 15.28
N HIS A 91 10.34 -5.66 16.57
CA HIS A 91 10.30 -4.44 17.39
C HIS A 91 11.64 -3.69 17.29
N ARG A 92 12.61 -4.23 16.54
CA ARG A 92 13.90 -3.56 16.38
C ARG A 92 13.65 -2.07 16.04
N ALA A 93 12.88 -1.83 14.98
CA ALA A 93 12.62 -0.48 14.52
C ALA A 93 11.23 -0.38 13.89
N PRO A 94 10.74 0.83 13.61
CA PRO A 94 9.41 0.85 12.97
C PRO A 94 9.37 0.13 11.60
N ILE A 95 8.18 -0.33 11.21
CA ILE A 95 7.96 -0.92 9.90
C ILE A 95 8.55 -0.07 8.74
N PHE A 96 8.39 1.25 8.83
CA PHE A 96 8.90 2.12 7.78
C PHE A 96 10.47 2.17 7.73
N MET A 97 11.12 1.71 8.78
CA MET A 97 12.57 1.52 8.74
C MET A 97 12.97 0.12 8.30
N ARG A 98 12.08 -0.86 8.46
CA ARG A 98 12.44 -2.23 8.21
C ARG A 98 12.19 -2.50 6.75
N VAL A 99 11.22 -1.77 6.21
CA VAL A 99 10.81 -1.88 4.81
C VAL A 99 10.94 -0.53 4.15
N PRO A 100 12.14 -0.24 3.59
CA PRO A 100 12.35 1.05 2.91
C PRO A 100 11.31 1.32 1.82
N PHE A 101 10.67 2.47 1.91
CA PHE A 101 9.66 2.91 0.96
C PHE A 101 10.42 3.53 -0.23
N LEU A 102 10.56 2.83 -1.35
CA LEU A 102 11.44 3.31 -2.50
C LEU A 102 11.43 4.82 -2.81
N GLU A 103 10.25 5.34 -3.17
CA GLU A 103 10.15 6.72 -3.62
C GLU A 103 9.95 7.73 -2.51
N PHE A 104 10.10 7.32 -1.26
CA PHE A 104 9.70 8.20 -0.17
C PHE A 104 10.70 9.29 0.08
N LYS A 105 10.24 10.46 0.49
CA LYS A 105 11.12 11.46 0.99
C LYS A 105 10.28 12.54 1.66
N ALA A 106 10.78 13.11 2.73
CA ALA A 106 10.09 14.28 3.25
C ALA A 106 11.07 15.18 3.98
N PRO A 107 10.68 16.43 4.26
CA PRO A 107 11.66 17.33 4.96
C PRO A 107 11.96 16.83 6.39
N GLY A 108 13.23 16.85 6.78
CA GLY A 108 13.64 16.42 8.14
C GLY A 108 13.38 14.94 8.43
N ILE A 109 13.14 14.16 7.36
CA ILE A 109 12.99 12.69 7.37
C ILE A 109 13.79 12.01 6.25
N PRO A 110 14.63 11.01 6.61
CA PRO A 110 15.43 10.18 5.67
C PRO A 110 14.63 9.62 4.50
N SER A 111 15.17 9.79 3.29
CA SER A 111 14.56 9.24 2.09
C SER A 111 14.59 7.69 2.14
N GLY A 112 13.74 7.04 1.34
CA GLY A 112 13.76 5.61 1.27
C GLY A 112 15.07 5.14 0.73
N MET A 113 15.64 5.89 -0.22
CA MET A 113 16.98 5.54 -0.77
C MET A 113 18.08 5.55 0.29
N GLU A 114 17.98 6.53 1.21
CA GLU A 114 18.89 6.64 2.33
C GLU A 114 18.74 5.48 3.27
N THR A 115 17.53 5.24 3.76
CA THR A 115 17.26 4.09 4.60
C THR A 115 17.68 2.78 3.95
N LEU A 116 17.47 2.62 2.63
CA LEU A 116 17.90 1.43 1.91
C LEU A 116 19.38 1.11 2.09
N LYS A 117 20.21 2.13 2.33
CA LYS A 117 21.68 1.97 2.45
C LYS A 117 22.02 1.03 3.57
N ASP A 118 21.24 1.06 4.64
CA ASP A 118 21.50 0.31 5.88
C ASP A 118 20.62 -0.96 6.00
N THR A 119 19.94 -1.37 4.91
CA THR A 119 18.98 -2.49 4.92
C THR A 119 19.65 -3.79 4.42
N PRO A 120 19.76 -4.84 5.29
CA PRO A 120 20.47 -6.07 4.87
C PRO A 120 19.62 -7.02 3.99
N ALA A 121 20.26 -7.81 3.14
CA ALA A 121 19.58 -8.69 2.21
C ALA A 121 19.28 -9.88 3.07
N PRO A 122 18.23 -10.65 2.74
CA PRO A 122 17.25 -10.34 1.68
C PRO A 122 16.38 -9.15 2.12
N ARG A 123 16.10 -8.22 1.19
CA ARG A 123 15.46 -6.94 1.55
C ARG A 123 14.00 -6.97 1.20
N LEU A 124 13.18 -6.31 2.01
CA LEU A 124 11.76 -6.12 1.65
C LEU A 124 11.64 -4.67 1.31
N LEU A 125 10.99 -4.39 0.20
CA LEU A 125 11.01 -3.04 -0.35
C LEU A 125 9.56 -2.64 -0.55
N LYS A 126 9.23 -1.36 -0.37
CA LYS A 126 7.83 -0.95 -0.63
C LYS A 126 7.67 0.10 -1.69
N THR A 127 6.67 -0.03 -2.55
CA THR A 127 6.38 1.03 -3.49
C THR A 127 4.87 1.21 -3.75
N HIS A 128 4.44 2.42 -4.24
CA HIS A 128 3.12 2.62 -4.81
C HIS A 128 3.21 3.09 -6.29
N LEU A 129 4.43 3.06 -6.85
CA LEU A 129 4.63 3.58 -8.22
C LEU A 129 3.91 2.76 -9.31
N PRO A 130 3.18 3.47 -10.16
CA PRO A 130 2.70 2.86 -11.38
C PRO A 130 3.89 2.28 -12.20
N LEU A 131 3.57 1.31 -13.05
CA LEU A 131 4.58 0.68 -13.89
C LEU A 131 5.29 1.70 -14.78
N ALA A 132 4.65 2.84 -15.04
CA ALA A 132 5.26 3.87 -15.90
C ALA A 132 6.42 4.48 -15.14
N LEU A 133 6.47 4.33 -13.82
CA LEU A 133 7.56 4.99 -13.07
C LEU A 133 8.52 3.97 -12.35
N LEU A 134 8.15 2.69 -12.39
CA LEU A 134 8.79 1.67 -11.54
C LEU A 134 10.25 1.45 -12.00
N PRO A 135 11.28 1.59 -11.11
CA PRO A 135 12.67 1.26 -11.56
C PRO A 135 12.70 -0.04 -12.39
N GLN A 136 13.23 0.03 -13.60
CA GLN A 136 13.19 -1.12 -14.53
C GLN A 136 14.10 -2.29 -14.05
N THR A 137 15.13 -1.94 -13.27
CA THR A 137 15.91 -2.97 -12.57
C THR A 137 15.02 -4.07 -11.82
N LEU A 138 13.81 -3.73 -11.35
CA LEU A 138 13.06 -4.70 -10.53
C LEU A 138 12.46 -5.74 -11.44
N LEU A 139 12.03 -5.33 -12.62
CA LEU A 139 11.53 -6.26 -13.61
C LEU A 139 12.65 -7.11 -14.17
N ASP A 140 13.78 -6.47 -14.55
CA ASP A 140 14.92 -7.17 -15.16
C ASP A 140 15.50 -8.28 -14.24
N GLN A 141 15.64 -7.99 -12.92
CA GLN A 141 16.17 -8.95 -11.92
C GLN A 141 15.14 -10.00 -11.53
N LYS A 142 13.93 -9.90 -12.10
CA LYS A 142 12.87 -10.87 -11.87
C LYS A 142 12.50 -10.92 -10.37
N VAL A 143 12.47 -9.74 -9.76
CA VAL A 143 12.15 -9.58 -8.34
C VAL A 143 10.72 -10.05 -8.03
N LYS A 144 10.59 -11.01 -7.16
CA LYS A 144 9.27 -11.43 -6.63
C LYS A 144 8.46 -10.27 -6.12
N VAL A 145 7.19 -10.18 -6.52
CA VAL A 145 6.33 -9.05 -6.06
C VAL A 145 5.14 -9.56 -5.30
N VAL A 146 4.88 -8.97 -4.13
CA VAL A 146 3.56 -9.19 -3.46
C VAL A 146 2.68 -7.98 -3.68
N TYR A 147 1.61 -8.18 -4.46
CA TYR A 147 0.77 -7.04 -4.85
C TYR A 147 -0.53 -7.12 -4.04
N VAL A 148 -0.95 -6.05 -3.35
CA VAL A 148 -2.24 -6.11 -2.66
C VAL A 148 -3.24 -5.15 -3.29
N ALA A 149 -4.44 -5.65 -3.62
CA ALA A 149 -5.49 -4.82 -4.15
C ALA A 149 -6.69 -4.85 -3.14
N ARG A 150 -7.47 -3.78 -3.12
CA ARG A 150 -8.63 -3.62 -2.22
C ARG A 150 -9.78 -3.00 -3.05
N ASN A 151 -11.03 -3.31 -2.77
CA ASN A 151 -12.07 -2.62 -3.53
C ASN A 151 -11.99 -1.05 -3.57
N ALA A 152 -12.26 -0.45 -4.75
CA ALA A 152 -12.18 1.00 -4.91
C ALA A 152 -12.92 1.89 -3.94
N LYS A 153 -14.04 1.39 -3.43
CA LYS A 153 -14.85 2.31 -2.56
C LYS A 153 -14.19 2.44 -1.20
N ASP A 154 -13.77 1.30 -0.58
CA ASP A 154 -13.00 1.38 0.67
C ASP A 154 -11.70 2.13 0.54
N VAL A 155 -11.05 1.99 -0.62
CA VAL A 155 -9.79 2.66 -0.87
C VAL A 155 -10.05 4.16 -0.91
N ALA A 156 -11.10 4.57 -1.63
CA ALA A 156 -11.41 6.00 -1.73
C ALA A 156 -11.66 6.63 -0.34
N VAL A 157 -12.57 6.00 0.44
CA VAL A 157 -12.86 6.46 1.81
C VAL A 157 -11.62 6.48 2.65
N SER A 158 -10.87 5.37 2.74
CA SER A 158 -9.59 5.38 3.46
C SER A 158 -8.65 6.47 2.94
N TYR A 159 -8.61 6.65 1.63
CA TYR A 159 -7.70 7.70 1.09
C TYR A 159 -8.12 9.09 1.56
N TYR A 160 -9.41 9.31 1.63
CA TYR A 160 -9.91 10.64 2.00
C TYR A 160 -9.47 10.98 3.41
N HIS A 161 -9.63 10.05 4.35
CA HIS A 161 -9.26 10.35 5.72
C HIS A 161 -7.74 10.52 5.81
N PHE A 162 -6.99 9.73 5.03
CA PHE A 162 -5.52 9.78 5.00
C PHE A 162 -5.00 11.11 4.57
N TYR A 163 -5.63 11.71 3.56
CA TYR A 163 -5.25 13.04 3.11
C TYR A 163 -5.28 14.00 4.26
N HIS A 164 -6.23 13.81 5.17
CA HIS A 164 -6.39 14.78 6.29
C HIS A 164 -5.27 14.60 7.27
N MET A 165 -4.88 13.38 7.62
CA MET A 165 -3.78 13.25 8.59
C MET A 165 -2.37 13.41 7.99
N ALA A 166 -2.16 12.93 6.75
CA ALA A 166 -0.83 12.92 6.16
C ALA A 166 -0.67 14.24 5.44
N LYS A 167 -0.01 15.19 6.13
CA LYS A 167 0.10 16.60 5.72
C LYS A 167 0.90 16.90 4.44
N VAL A 168 1.74 16.00 3.96
CA VAL A 168 2.37 16.23 2.62
C VAL A 168 1.38 16.22 1.44
N HIS A 169 0.14 15.78 1.68
CA HIS A 169 -0.84 15.70 0.59
C HIS A 169 -1.42 17.10 0.44
N PRO A 170 -1.89 17.44 -0.77
CA PRO A 170 -2.70 18.65 -0.91
C PRO A 170 -3.99 18.59 -0.08
N GLU A 171 -4.66 19.71 0.10
CA GLU A 171 -5.97 19.76 0.76
C GLU A 171 -6.94 18.76 0.11
N PRO A 172 -7.62 17.90 0.90
CA PRO A 172 -8.56 16.91 0.33
C PRO A 172 -9.81 17.52 -0.26
N GLY A 173 -10.30 18.54 0.44
CA GLY A 173 -11.57 19.24 0.17
C GLY A 173 -12.72 18.52 0.87
N THR A 174 -13.91 18.72 0.36
CA THR A 174 -15.04 17.92 0.77
C THR A 174 -14.89 16.51 0.16
N TRP A 175 -15.51 15.57 0.83
CA TRP A 175 -15.62 14.23 0.42
C TRP A 175 -16.18 14.08 -0.98
N ASP A 176 -17.24 14.83 -1.31
CA ASP A 176 -17.77 14.80 -2.68
C ASP A 176 -16.75 15.25 -3.72
N SER A 177 -16.02 16.34 -3.47
CA SER A 177 -14.99 16.74 -4.42
C SER A 177 -13.80 15.79 -4.44
N PHE A 178 -13.36 15.31 -3.28
CA PHE A 178 -12.35 14.25 -3.24
C PHE A 178 -12.73 13.01 -4.05
N LEU A 179 -13.99 12.57 -3.91
CA LEU A 179 -14.48 11.42 -4.68
C LEU A 179 -14.40 11.66 -6.20
N GLU A 180 -14.84 12.83 -6.68
CA GLU A 180 -14.69 13.25 -8.09
C GLU A 180 -13.23 13.21 -8.54
N LYS A 181 -12.30 13.72 -7.72
CA LYS A 181 -10.86 13.63 -8.03
C LYS A 181 -10.38 12.20 -8.12
N PHE A 182 -10.86 11.34 -7.21
CA PHE A 182 -10.42 9.92 -7.18
C PHE A 182 -10.83 9.19 -8.47
N MET A 183 -12.03 9.46 -8.97
CA MET A 183 -12.51 8.83 -10.20
C MET A 183 -11.72 9.28 -11.47
N VAL A 184 -11.10 10.46 -11.50
CA VAL A 184 -10.35 10.83 -12.71
C VAL A 184 -8.89 10.69 -12.40
N GLY A 185 -8.55 10.01 -11.29
CA GLY A 185 -7.17 9.75 -10.92
C GLY A 185 -6.40 11.00 -10.61
N GLU A 186 -7.06 12.05 -10.10
CA GLU A 186 -6.36 13.28 -9.75
C GLU A 186 -5.98 13.35 -8.29
N VAL A 187 -5.35 12.30 -7.80
CA VAL A 187 -4.92 12.14 -6.46
C VAL A 187 -3.48 11.59 -6.57
N SER A 188 -2.67 11.82 -5.53
CA SER A 188 -1.37 11.17 -5.37
C SER A 188 -1.39 9.74 -5.92
N TYR A 189 -0.48 9.49 -6.84
CA TYR A 189 -0.32 8.19 -7.57
C TYR A 189 -1.35 7.86 -8.68
N GLY A 190 -2.25 8.80 -8.95
CA GLY A 190 -3.11 8.65 -10.10
C GLY A 190 -4.20 7.65 -9.94
N SER A 191 -4.53 6.98 -11.02
CA SER A 191 -5.73 6.20 -11.09
C SER A 191 -5.61 4.82 -10.45
N TRP A 192 -6.49 4.59 -9.48
CA TRP A 192 -6.67 3.26 -8.89
C TRP A 192 -6.98 2.25 -9.96
N TYR A 193 -7.87 2.60 -10.91
CA TYR A 193 -8.40 1.65 -11.90
C TYR A 193 -7.23 1.20 -12.79
N GLN A 194 -6.32 2.10 -13.08
CA GLN A 194 -5.23 1.70 -13.92
C GLN A 194 -4.22 0.88 -13.10
N HIS A 195 -3.98 1.27 -11.85
CA HIS A 195 -3.00 0.58 -11.03
C HIS A 195 -3.32 -0.89 -10.90
N VAL A 196 -4.54 -1.18 -10.45
CA VAL A 196 -4.90 -2.57 -10.19
C VAL A 196 -4.93 -3.36 -11.51
N GLN A 197 -5.29 -2.72 -12.63
CA GLN A 197 -5.36 -3.46 -13.90
C GLN A 197 -3.97 -3.82 -14.49
N GLU A 198 -3.04 -2.86 -14.44
CA GLU A 198 -1.72 -3.02 -15.09
C GLU A 198 -0.92 -4.00 -14.25
N TRP A 199 -1.05 -3.97 -12.90
CA TRP A 199 -0.30 -4.98 -12.11
C TRP A 199 -0.87 -6.39 -12.25
N TRP A 200 -2.17 -6.46 -12.54
CA TRP A 200 -2.86 -7.71 -12.80
C TRP A 200 -2.40 -8.31 -14.13
N GLU A 201 -2.23 -7.49 -15.17
CA GLU A 201 -1.57 -7.91 -16.36
C GLU A 201 -0.09 -8.35 -16.16
N LEU A 202 0.68 -7.54 -15.46
CA LEU A 202 2.06 -7.88 -15.16
C LEU A 202 2.14 -9.27 -14.58
N SER A 203 1.19 -9.64 -13.71
CA SER A 203 1.31 -10.95 -13.02
C SER A 203 1.34 -12.18 -13.98
N ARG A 204 0.95 -11.97 -15.24
CA ARG A 204 0.86 -13.05 -16.24
CA ARG A 204 0.87 -13.08 -16.18
C ARG A 204 2.25 -13.41 -16.76
N THR A 205 3.20 -12.52 -16.51
CA THR A 205 4.50 -12.50 -17.12
C THR A 205 5.62 -12.31 -16.15
N HIS A 206 5.33 -12.06 -14.87
CA HIS A 206 6.37 -11.75 -13.89
C HIS A 206 5.92 -12.45 -12.58
N PRO A 207 6.87 -12.87 -11.74
CA PRO A 207 6.46 -13.49 -10.46
C PRO A 207 5.76 -12.46 -9.51
N VAL A 208 4.41 -12.52 -9.46
CA VAL A 208 3.56 -11.63 -8.67
C VAL A 208 2.53 -12.47 -7.91
N LEU A 209 2.52 -12.40 -6.59
CA LEU A 209 1.41 -12.98 -5.85
C LEU A 209 0.38 -11.84 -5.75
N TYR A 210 -0.79 -12.00 -6.34
CA TYR A 210 -1.76 -10.89 -6.44
C TYR A 210 -2.82 -11.06 -5.40
N LEU A 211 -2.74 -10.29 -4.31
CA LEU A 211 -3.63 -10.56 -3.14
C LEU A 211 -4.79 -9.60 -3.07
N PHE A 212 -5.87 -9.94 -2.34
CA PHE A 212 -6.99 -9.01 -2.09
C PHE A 212 -7.13 -8.78 -0.62
N TYR A 213 -7.21 -7.50 -0.27
CA TYR A 213 -7.49 -7.04 1.06
C TYR A 213 -8.71 -7.75 1.68
N GLU A 214 -9.78 -7.95 0.88
CA GLU A 214 -11.01 -8.60 1.40
C GLU A 214 -10.79 -10.11 1.79
N ASP A 215 -9.97 -10.81 0.99
CA ASP A 215 -9.49 -12.14 1.27
C ASP A 215 -8.74 -12.18 2.56
N MET A 216 -7.81 -11.26 2.77
CA MET A 216 -7.05 -11.24 4.02
C MET A 216 -7.95 -11.05 5.23
N LYS A 217 -8.96 -10.25 5.02
CA LYS A 217 -9.95 -9.93 6.01
C LYS A 217 -10.80 -11.15 6.35
N GLU A 218 -11.29 -11.84 5.32
CA GLU A 218 -12.07 -13.04 5.47
C GLU A 218 -11.35 -14.22 6.16
N ASN A 219 -10.14 -14.53 5.72
CA ASN A 219 -9.39 -15.64 6.30
C ASN A 219 -7.90 -15.29 6.24
N PRO A 220 -7.36 -14.62 7.28
CA PRO A 220 -5.99 -14.16 7.26
C PRO A 220 -4.99 -15.35 7.26
N LYS A 221 -5.32 -16.43 7.99
CA LYS A 221 -4.49 -17.58 8.01
C LYS A 221 -4.29 -18.13 6.59
N ARG A 222 -5.36 -18.34 5.85
CA ARG A 222 -5.23 -18.79 4.46
C ARG A 222 -4.27 -17.85 3.66
N GLU A 223 -4.43 -16.54 3.79
CA GLU A 223 -3.57 -15.63 3.01
C GLU A 223 -2.11 -15.67 3.48
N ILE A 224 -1.89 -15.80 4.79
CA ILE A 224 -0.53 -15.95 5.27
C ILE A 224 0.15 -17.25 4.68
N GLN A 225 -0.66 -18.29 4.53
CA GLN A 225 -0.18 -19.56 4.07
C GLN A 225 0.17 -19.43 2.61
N LYS A 226 -0.62 -18.59 1.91
CA LYS A 226 -0.31 -18.26 0.53
C LYS A 226 1.01 -17.48 0.38
N ILE A 227 1.22 -16.48 1.22
CA ILE A 227 2.44 -15.73 1.20
C ILE A 227 3.63 -16.61 1.54
N LEU A 228 3.51 -17.43 2.59
CA LEU A 228 4.54 -18.44 2.93
C LEU A 228 4.95 -19.29 1.75
N GLU A 229 3.99 -19.85 1.04
CA GLU A 229 4.30 -20.69 -0.11
C GLU A 229 4.99 -19.89 -1.25
N PHE A 230 4.54 -18.65 -1.55
CA PHE A 230 5.22 -17.79 -2.55
C PHE A 230 6.70 -17.45 -2.25
N VAL A 231 6.97 -17.12 -0.99
CA VAL A 231 8.35 -16.89 -0.58
C VAL A 231 9.15 -18.23 -0.29
N GLY A 232 8.44 -19.36 -0.34
CA GLY A 232 9.05 -20.65 -0.26
C GLY A 232 9.51 -21.08 1.11
N HIS A 233 8.88 -20.53 2.15
CA HIS A 233 9.11 -20.94 3.54
C HIS A 233 7.99 -21.93 3.96
N SER A 234 8.31 -22.82 4.88
CA SER A 234 7.28 -23.47 5.69
C SER A 234 7.50 -23.10 7.16
N LEU A 235 6.40 -22.99 7.91
CA LEU A 235 6.42 -22.72 9.34
C LEU A 235 5.49 -23.67 10.10
N PRO A 236 5.83 -24.00 11.36
CA PRO A 236 4.82 -24.82 12.03
C PRO A 236 3.49 -24.02 12.29
N GLU A 237 2.38 -24.75 12.42
CA GLU A 237 1.05 -24.12 12.41
C GLU A 237 0.90 -23.15 13.59
N GLU A 238 1.59 -23.45 14.69
CA GLU A 238 1.60 -22.61 15.88
C GLU A 238 2.18 -21.23 15.60
N THR A 239 3.25 -21.20 14.81
CA THR A 239 3.85 -19.95 14.39
C THR A 239 2.95 -19.16 13.46
N VAL A 240 2.27 -19.83 12.52
CA VAL A 240 1.28 -19.19 11.67
C VAL A 240 0.08 -18.59 12.47
N ASP A 241 -0.47 -19.36 13.42
CA ASP A 241 -1.43 -18.79 14.38
C ASP A 241 -0.83 -17.62 15.14
N PHE A 242 0.40 -17.72 15.62
CA PHE A 242 0.99 -16.59 16.34
C PHE A 242 1.03 -15.31 15.45
N MET A 243 1.40 -15.49 14.18
CA MET A 243 1.51 -14.40 13.19
C MET A 243 0.15 -13.78 12.87
N VAL A 244 -0.85 -14.65 12.75
CA VAL A 244 -2.23 -14.25 12.52
C VAL A 244 -2.67 -13.28 13.64
N GLN A 245 -2.29 -13.58 14.87
CA GLN A 245 -2.74 -12.73 15.98
C GLN A 245 -2.04 -11.36 15.95
N HIS A 246 -0.74 -11.43 15.76
CA HIS A 246 0.12 -10.26 15.76
C HIS A 246 0.07 -9.37 14.53
N THR A 247 -0.74 -9.77 13.55
CA THR A 247 -1.00 -8.94 12.39
C THR A 247 -2.48 -8.60 12.23
N SER A 248 -3.28 -8.79 13.30
CA SER A 248 -4.69 -8.39 13.22
C SER A 248 -4.75 -6.89 13.43
N PHE A 249 -5.80 -6.29 12.89
CA PHE A 249 -5.98 -4.85 13.00
C PHE A 249 -5.74 -4.38 14.42
N LYS A 250 -6.34 -5.04 15.42
CA LYS A 250 -6.23 -4.59 16.82
C LYS A 250 -4.82 -4.64 17.37
N GLU A 251 -4.10 -5.73 17.12
CA GLU A 251 -2.67 -5.73 17.50
C GLU A 251 -1.91 -4.63 16.73
N MET A 252 -2.16 -4.48 15.44
CA MET A 252 -1.36 -3.53 14.71
C MET A 252 -1.62 -2.08 15.11
N LYS A 253 -2.89 -1.75 15.43
CA LYS A 253 -3.32 -0.44 15.95
C LYS A 253 -2.58 0.04 17.21
N LYS A 254 -2.31 -0.87 18.14
CA LYS A 254 -1.66 -0.57 19.43
C LYS A 254 -0.14 -0.74 19.42
N ASN A 255 0.40 -1.44 18.42
CA ASN A 255 1.85 -1.62 18.28
C ASN A 255 2.50 -0.35 17.71
N PRO A 256 3.36 0.35 18.52
CA PRO A 256 4.03 1.62 18.10
C PRO A 256 4.88 1.46 16.85
N MET A 257 5.45 0.27 16.70
CA MET A 257 6.25 -0.06 15.50
C MET A 257 5.46 -0.14 14.18
N THR A 258 4.16 -0.44 14.23
CA THR A 258 3.33 -0.51 13.01
C THR A 258 2.23 0.64 12.81
N ASN A 259 1.91 1.41 13.85
CA ASN A 259 0.76 2.31 13.78
C ASN A 259 1.12 3.77 13.43
N TYR A 260 2.41 3.99 13.10
CA TYR A 260 2.94 5.29 12.67
C TYR A 260 2.93 6.45 13.70
N THR A 261 2.67 6.16 14.97
CA THR A 261 2.56 7.17 16.06
C THR A 261 3.90 7.80 16.47
N THR A 262 5.01 7.19 15.99
CA THR A 262 6.39 7.62 16.25
C THR A 262 6.98 8.73 15.33
N VAL A 263 6.29 9.02 14.22
CA VAL A 263 6.68 10.11 13.29
C VAL A 263 6.27 11.51 13.83
N PRO A 264 6.95 12.58 13.35
CA PRO A 264 6.64 13.94 13.83
C PRO A 264 5.18 14.33 13.57
N GLN A 265 4.60 15.10 14.49
CA GLN A 265 3.24 15.62 14.31
C GLN A 265 3.09 16.49 13.06
N GLU A 266 4.11 17.29 12.72
CA GLU A 266 4.13 18.11 11.47
C GLU A 266 4.04 17.28 10.17
N PHE A 267 4.30 15.97 10.29
CA PHE A 267 4.28 15.02 9.17
C PHE A 267 2.94 14.26 9.08
N MET A 268 2.57 13.61 10.19
CA MET A 268 1.32 12.88 10.28
C MET A 268 0.62 13.26 11.57
N GLY A 269 -0.58 13.83 11.46
CA GLY A 269 -1.36 14.21 12.61
C GLY A 269 -2.29 13.10 13.08
N HIS A 270 -1.80 12.26 14.00
CA HIS A 270 -2.55 11.10 14.52
CA HIS A 270 -2.58 11.12 14.47
C HIS A 270 -3.91 11.48 15.16
N SER A 271 -3.95 12.63 15.83
CA SER A 271 -5.22 13.10 16.38
C SER A 271 -6.23 13.59 15.29
N ILE A 272 -5.78 13.91 14.08
CA ILE A 272 -6.74 14.21 13.00
C ILE A 272 -7.43 12.93 12.50
N SER A 273 -6.63 11.91 12.22
CA SER A 273 -7.11 10.58 11.81
C SER A 273 -5.98 9.55 12.03
N PRO A 274 -6.25 8.49 12.80
CA PRO A 274 -5.16 7.55 13.00
C PRO A 274 -4.82 6.78 11.70
N PHE A 275 -3.58 6.33 11.55
CA PHE A 275 -3.22 5.58 10.37
C PHE A 275 -3.99 4.25 10.39
N MET A 276 -3.94 3.54 11.51
CA MET A 276 -4.83 2.40 11.71
C MET A 276 -6.21 2.93 12.10
N ARG A 277 -7.11 3.06 11.14
CA ARG A 277 -8.35 3.81 11.30
C ARG A 277 -9.46 2.89 11.66
N LYS A 278 -9.86 1.99 10.76
CA LYS A 278 -10.94 1.06 11.07
C LYS A 278 -10.62 -0.38 10.73
N GLY A 279 -9.91 -0.59 9.63
CA GLY A 279 -9.61 -1.95 9.20
C GLY A 279 -10.79 -2.80 8.75
N MET A 280 -11.84 -2.22 8.18
CA MET A 280 -13.00 -3.05 7.81
C MET A 280 -13.11 -3.18 6.30
N ALA A 281 -13.65 -4.32 5.83
CA ALA A 281 -14.22 -4.45 4.48
C ALA A 281 -15.69 -4.01 4.53
N GLY A 282 -16.12 -3.18 3.59
CA GLY A 282 -17.58 -2.82 3.50
C GLY A 282 -18.11 -1.58 4.21
N ASP A 283 -17.29 -0.87 4.94
CA ASP A 283 -17.81 0.24 5.67
C ASP A 283 -17.87 1.50 4.77
N TRP A 284 -17.52 1.42 3.47
CA TRP A 284 -17.68 2.58 2.58
C TRP A 284 -19.18 3.00 2.58
N LYS A 285 -20.10 2.02 2.75
CA LYS A 285 -21.53 2.28 2.81
C LYS A 285 -21.92 3.35 3.85
N THR A 286 -21.09 3.62 4.85
CA THR A 286 -21.49 4.64 5.80
C THR A 286 -20.96 6.03 5.43
N THR A 287 -20.32 6.13 4.24
CA THR A 287 -19.77 7.38 3.75
C THR A 287 -20.39 7.77 2.39
N PHE A 288 -20.43 6.82 1.45
CA PHE A 288 -21.00 7.07 0.14
C PHE A 288 -22.48 7.36 0.29
N THR A 289 -22.95 8.46 -0.34
CA THR A 289 -24.37 8.71 -0.40
C THR A 289 -24.92 7.81 -1.50
N VAL A 290 -26.24 7.73 -1.62
CA VAL A 290 -26.87 7.03 -2.72
C VAL A 290 -26.56 7.63 -4.09
N ALA A 291 -26.60 8.95 -4.26
CA ALA A 291 -26.25 9.55 -5.58
C ALA A 291 -24.81 9.23 -5.95
N GLN A 292 -23.86 9.45 -5.01
CA GLN A 292 -22.43 9.07 -5.18
C GLN A 292 -22.27 7.63 -5.55
N ASN A 293 -22.86 6.69 -4.83
CA ASN A 293 -22.84 5.28 -5.27
C ASN A 293 -23.29 5.00 -6.73
N GLU A 294 -24.38 5.64 -7.16
CA GLU A 294 -24.96 5.35 -8.47
C GLU A 294 -24.03 5.84 -9.57
N ARG A 295 -23.40 6.99 -9.33
N ARG A 295 -23.37 6.97 -9.29
CA ARG A 295 -22.53 7.61 -10.30
CA ARG A 295 -22.53 7.69 -10.24
C ARG A 295 -21.26 6.74 -10.36
C ARG A 295 -21.11 7.06 -10.29
N PHE A 296 -20.70 6.45 -9.19
CA PHE A 296 -19.48 5.66 -9.12
C PHE A 296 -19.64 4.30 -9.81
N ASP A 297 -20.77 3.64 -9.59
CA ASP A 297 -21.08 2.32 -10.18
C ASP A 297 -21.13 2.39 -11.68
N ALA A 298 -21.73 3.45 -12.23
CA ALA A 298 -21.83 3.62 -13.69
C ALA A 298 -20.43 3.86 -14.30
N ASP A 299 -19.62 4.62 -13.59
CA ASP A 299 -18.25 4.92 -14.03
C ASP A 299 -17.36 3.73 -13.95
N TYR A 300 -17.40 3.03 -12.83
CA TYR A 300 -16.68 1.76 -12.65
C TYR A 300 -16.94 0.69 -13.72
N ALA A 301 -18.18 0.52 -14.14
CA ALA A 301 -18.50 -0.34 -15.24
C ALA A 301 -17.83 0.08 -16.57
N GLU A 302 -17.76 1.37 -16.93
CA GLU A 302 -16.99 1.82 -18.13
CA GLU A 302 -17.01 1.71 -18.16
C GLU A 302 -15.51 1.45 -18.01
N LYS A 303 -14.95 1.64 -16.80
CA LYS A 303 -13.47 1.53 -16.58
C LYS A 303 -12.94 0.11 -16.49
N MET A 304 -13.71 -0.75 -15.87
CA MET A 304 -13.32 -2.12 -15.63
C MET A 304 -14.09 -2.98 -16.59
N ALA A 305 -14.36 -2.43 -17.78
CA ALA A 305 -15.23 -3.03 -18.81
C ALA A 305 -15.00 -4.55 -18.98
N GLY A 306 -13.96 -4.93 -19.71
CA GLY A 306 -13.50 -6.32 -19.65
C GLY A 306 -12.62 -6.43 -18.43
N CYS A 307 -12.70 -7.57 -17.74
CA CYS A 307 -11.69 -7.95 -16.72
C CYS A 307 -11.87 -9.34 -16.10
N SER A 308 -10.76 -10.07 -16.05
CA SER A 308 -10.70 -11.35 -15.35
C SER A 308 -10.67 -11.02 -13.84
N LEU A 309 -10.35 -9.76 -13.60
CA LEU A 309 -10.10 -9.19 -12.33
C LEU A 309 -11.43 -8.78 -11.69
N SER A 310 -11.70 -9.20 -10.44
CA SER A 310 -12.93 -8.73 -9.78
C SER A 310 -12.83 -8.61 -8.29
N PHE A 311 -13.65 -7.72 -7.76
CA PHE A 311 -13.52 -7.30 -6.39
C PHE A 311 -14.81 -7.54 -5.63
N ARG A 312 -14.67 -7.75 -4.33
CA ARG A 312 -15.82 -7.74 -3.42
C ARG A 312 -15.79 -6.46 -2.56
N SER A 313 -16.97 -5.81 -2.48
CA SER A 313 -17.23 -4.59 -1.70
C SER A 313 -17.54 -4.84 -0.22
N GLU A 314 -17.80 -6.11 0.10
CA GLU A 314 -18.37 -6.44 1.41
C GLU A 314 -18.11 -7.88 1.72
N LEU A 315 -18.00 -8.18 3.02
CA LEU A 315 -18.06 -9.57 3.52
C LEU A 315 -19.38 -9.93 4.21
#